data_3OMP
#
_entry.id   3OMP
#
_cell.length_a   70.720
_cell.length_b   70.720
_cell.length_c   109.810
_cell.angle_alpha   90.000
_cell.angle_beta   90.000
_cell.angle_gamma   120.000
#
_symmetry.space_group_name_H-M   'P 31'
#
loop_
_entity.id
_entity.type
_entity.pdbx_description
1 polymer 'Estrogen receptor beta'
2 polymer 'Nuclear receptor coactivator 1'
3 non-polymer 2-(trifluoroacetyl)-1,2,3,4-tetrahydroisoquinolin-7-ol
4 water water
#
loop_
_entity_poly.entity_id
_entity_poly.type
_entity_poly.pdbx_seq_one_letter_code
_entity_poly.pdbx_strand_id
1 'polypeptide(L)'
;DALSPEQLVLTLLEAEPPHVLISRPSAPFTEASMMMSLTKLADKELVHMISWAKKIPGFVELSLFDQVRLLESCWMEVLM
MGLMWRSIDHPGKLIFAPDLVLDRDEGKCVEGILEIFDMLLATTSRFRELKLQHKEYLCVKAMILLNSSMYPLVTATQDA
DSSRKLAHLLNAVTDALVWVIAKSGISSQQQSMRLANLLMLLSHVRHASNKGMEHLLNMKCKNVVPVYDLLLEMLNAHVL
;
A,B
2 'polypeptide(L)' LTERHKILHRLLQEGSPSD C,D
#
loop_
_chem_comp.id
_chem_comp.type
_chem_comp.name
_chem_comp.formula
W14 non-polymer 2-(trifluoroacetyl)-1,2,3,4-tetrahydroisoquinolin-7-ol 'C11 H10 F3 N O2'
#
# COMPACT_ATOMS: atom_id res chain seq x y z
N SER A 4 6.92 8.97 -24.59
CA SER A 4 8.29 8.44 -24.84
C SER A 4 9.27 8.93 -23.75
N PRO A 5 10.26 8.12 -23.35
CA PRO A 5 10.85 8.29 -22.00
C PRO A 5 11.53 9.64 -21.68
N GLU A 6 12.44 10.11 -22.54
CA GLU A 6 13.09 11.41 -22.29
C GLU A 6 12.09 12.58 -22.18
N GLN A 7 11.12 12.66 -23.08
CA GLN A 7 10.17 13.75 -23.10
C GLN A 7 9.23 13.62 -21.90
N LEU A 8 8.90 12.36 -21.57
CA LEU A 8 7.97 12.14 -20.48
C LEU A 8 8.64 12.65 -19.23
N VAL A 9 9.89 12.24 -19.04
CA VAL A 9 10.65 12.68 -17.87
C VAL A 9 10.81 14.22 -17.77
N LEU A 10 11.07 14.87 -18.92
CA LEU A 10 11.18 16.32 -18.94
C LEU A 10 9.82 16.93 -18.54
N THR A 11 8.72 16.39 -19.06
CA THR A 11 7.40 16.91 -18.72
C THR A 11 7.16 16.86 -17.20
N LEU A 12 7.50 15.72 -16.59
CA LEU A 12 7.30 15.52 -15.16
C LEU A 12 8.18 16.50 -14.40
N LEU A 13 9.43 16.67 -14.86
CA LEU A 13 10.31 17.69 -14.30
C LEU A 13 9.67 19.10 -14.33
N GLU A 14 9.12 19.46 -15.48
CA GLU A 14 8.53 20.76 -15.63
C GLU A 14 7.22 20.86 -14.88
N ALA A 15 6.61 19.70 -14.56
CA ALA A 15 5.32 19.72 -13.85
C ALA A 15 5.43 19.95 -12.33
N GLU A 16 6.66 19.92 -11.79
CA GLU A 16 6.81 19.92 -10.32
C GLU A 16 6.12 21.09 -9.70
N PRO A 17 5.39 20.88 -8.61
CA PRO A 17 4.55 21.97 -8.03
C PRO A 17 5.47 22.91 -7.30
N PRO A 18 5.06 24.15 -7.09
CA PRO A 18 5.90 25.00 -6.22
C PRO A 18 6.01 24.52 -4.77
N HIS A 19 7.07 24.93 -4.12
CA HIS A 19 7.30 24.75 -2.68
C HIS A 19 6.30 25.69 -1.98
N VAL A 20 5.48 25.17 -1.06
CA VAL A 20 4.55 25.99 -0.30
C VAL A 20 5.21 26.47 0.98
N LEU A 21 5.19 27.77 1.21
CA LEU A 21 5.85 28.29 2.36
C LEU A 21 4.90 28.41 3.50
N ILE A 22 5.36 27.98 4.67
CA ILE A 22 4.61 28.15 5.90
C ILE A 22 5.62 28.29 7.04
N SER A 23 5.25 28.94 8.12
CA SER A 23 6.18 29.08 9.25
C SER A 23 5.66 28.44 10.55
N ARG A 24 6.53 28.02 11.46
CA ARG A 24 6.08 27.69 12.85
C ARG A 24 5.28 28.85 13.45
N PRO A 25 4.24 28.57 14.25
CA PRO A 25 3.66 29.69 15.06
C PRO A 25 4.68 30.33 15.99
N SER A 26 4.36 31.54 16.41
CA SER A 26 5.16 32.24 17.39
C SER A 26 5.19 31.49 18.74
N ALA A 27 4.03 31.07 19.22
CA ALA A 27 3.93 30.33 20.50
C ALA A 27 4.40 28.85 20.40
N PRO A 28 4.88 28.23 21.51
CA PRO A 28 5.20 26.79 21.50
C PRO A 28 4.05 25.96 20.91
N PHE A 29 4.37 24.96 20.07
CA PHE A 29 3.35 24.06 19.58
C PHE A 29 2.44 23.46 20.66
N THR A 30 1.16 23.32 20.33
CA THR A 30 0.24 22.44 21.08
C THR A 30 -0.23 21.39 20.06
N GLU A 31 -0.97 20.37 20.53
CA GLU A 31 -1.57 19.41 19.66
C GLU A 31 -2.41 20.08 18.62
N ALA A 32 -3.24 21.04 19.07
CA ALA A 32 -4.06 21.83 18.16
C ALA A 32 -3.21 22.64 17.15
N SER A 33 -2.20 23.36 17.63
CA SER A 33 -1.53 24.28 16.69
C SER A 33 -0.62 23.56 15.74
N MET A 34 -0.01 22.46 16.18
CA MET A 34 0.73 21.63 15.26
C MET A 34 -0.15 21.07 14.12
N MET A 35 -1.32 20.52 14.47
CA MET A 35 -2.27 20.06 13.45
C MET A 35 -2.79 21.18 12.54
N MET A 36 -2.96 22.38 13.07
CA MET A 36 -3.35 23.51 12.24
C MET A 36 -2.32 23.80 11.18
N SER A 37 -1.05 23.81 11.57
CA SER A 37 0.06 24.03 10.68
C SER A 37 0.15 22.95 9.59
N LEU A 38 0.04 21.68 9.98
CA LEU A 38 0.19 20.63 9.01
C LEU A 38 -0.98 20.51 8.04
N THR A 39 -2.20 20.72 8.53
CA THR A 39 -3.37 20.69 7.64
C THR A 39 -3.47 21.95 6.75
N LYS A 40 -3.11 23.13 7.26
CA LYS A 40 -3.06 24.32 6.45
C LYS A 40 -2.05 24.11 5.29
N LEU A 41 -0.90 23.52 5.61
CA LEU A 41 0.08 23.18 4.58
C LEU A 41 -0.49 22.17 3.58
N ALA A 42 -1.11 21.12 4.12
CA ALA A 42 -1.59 20.03 3.26
C ALA A 42 -2.64 20.54 2.27
N ASP A 43 -3.53 21.38 2.78
CA ASP A 43 -4.61 21.97 1.97
C ASP A 43 -3.98 22.73 0.80
N LYS A 44 -2.97 23.56 1.11
CA LYS A 44 -2.35 24.37 0.05
C LYS A 44 -1.59 23.48 -0.97
N GLU A 45 -0.87 22.51 -0.48
CA GLU A 45 -0.20 21.58 -1.38
C GLU A 45 -1.18 20.75 -2.22
N LEU A 46 -2.32 20.37 -1.65
CA LEU A 46 -3.41 19.80 -2.42
C LEU A 46 -3.82 20.67 -3.62
N VAL A 47 -4.07 21.97 -3.38
CA VAL A 47 -4.40 22.88 -4.49
C VAL A 47 -3.35 22.71 -5.59
N HIS A 48 -2.08 22.79 -5.24
CA HIS A 48 -1.04 22.68 -6.24
C HIS A 48 -0.85 21.32 -6.86
N MET A 49 -1.21 20.28 -6.10
CA MET A 49 -1.25 18.89 -6.64
C MET A 49 -2.19 18.69 -7.84
N ILE A 50 -3.38 19.28 -7.79
CA ILE A 50 -4.28 19.24 -8.93
C ILE A 50 -3.64 19.79 -10.20
N SER A 51 -2.99 20.96 -10.12
CA SER A 51 -2.33 21.55 -11.30
C SER A 51 -1.19 20.68 -11.80
N TRP A 52 -0.51 20.05 -10.85
CA TRP A 52 0.55 19.11 -11.16
C TRP A 52 -0.01 17.93 -11.97
N ALA A 53 -1.06 17.26 -11.44
CA ALA A 53 -1.66 16.11 -12.13
C ALA A 53 -2.12 16.45 -13.52
N LYS A 54 -2.66 17.67 -13.68
CA LYS A 54 -3.15 18.10 -14.97
C LYS A 54 -2.04 18.28 -16.00
N LYS A 55 -0.80 18.39 -15.56
CA LYS A 55 0.32 18.56 -16.49
C LYS A 55 0.97 17.23 -16.92
N ILE A 56 0.58 16.12 -16.31
CA ILE A 56 1.05 14.83 -16.68
C ILE A 56 0.32 14.47 -18.00
N PRO A 57 1.07 14.19 -19.07
CA PRO A 57 0.46 13.98 -20.41
C PRO A 57 -0.62 12.88 -20.34
N GLY A 58 -1.84 13.17 -20.83
CA GLY A 58 -2.87 12.17 -20.90
C GLY A 58 -3.83 12.29 -19.72
N PHE A 59 -3.32 12.76 -18.58
CA PHE A 59 -4.21 12.92 -17.41
C PHE A 59 -5.52 13.62 -17.70
N VAL A 60 -5.51 14.81 -18.32
N VAL A 60 -5.50 14.81 -18.31
CA VAL A 60 -6.76 15.53 -18.56
CA VAL A 60 -6.75 15.52 -18.52
C VAL A 60 -7.61 14.89 -19.66
C VAL A 60 -7.65 14.77 -19.53
N GLU A 61 -7.05 13.91 -20.36
CA GLU A 61 -7.81 13.12 -21.37
C GLU A 61 -8.53 11.95 -20.72
N LEU A 62 -8.20 11.60 -19.48
CA LEU A 62 -9.00 10.59 -18.80
C LEU A 62 -10.36 11.21 -18.49
N SER A 63 -11.38 10.40 -18.20
CA SER A 63 -12.68 10.96 -17.85
C SER A 63 -12.60 11.71 -16.51
N LEU A 64 -13.41 12.74 -16.34
CA LEU A 64 -13.55 13.45 -15.08
C LEU A 64 -13.59 12.48 -13.90
N PHE A 65 -14.42 11.44 -13.95
CA PHE A 65 -14.50 10.51 -12.82
C PHE A 65 -13.17 9.89 -12.55
N ASP A 66 -12.41 9.60 -13.60
CA ASP A 66 -11.15 8.89 -13.41
C ASP A 66 -10.16 9.83 -12.78
N GLN A 67 -10.06 11.03 -13.32
CA GLN A 67 -9.22 12.05 -12.72
C GLN A 67 -9.55 12.25 -11.20
N VAL A 68 -10.83 12.44 -10.92
CA VAL A 68 -11.27 12.64 -9.58
C VAL A 68 -10.87 11.41 -8.76
N ARG A 69 -11.10 10.23 -9.30
CA ARG A 69 -10.92 9.08 -8.47
C ARG A 69 -9.46 8.73 -8.13
N LEU A 70 -8.55 8.96 -9.08
CA LEU A 70 -7.10 8.77 -8.82
C LEU A 70 -6.63 9.79 -7.80
N LEU A 71 -7.01 11.06 -7.98
CA LEU A 71 -6.64 12.09 -7.00
C LEU A 71 -7.20 11.77 -5.61
N GLU A 72 -8.45 11.32 -5.48
CA GLU A 72 -8.99 11.02 -4.14
C GLU A 72 -8.24 9.88 -3.52
N SER A 73 -7.86 8.96 -4.37
CA SER A 73 -7.18 7.79 -3.83
C SER A 73 -5.68 8.03 -3.47
N CYS A 74 -4.98 8.93 -4.16
CA CYS A 74 -3.53 9.00 -3.97
C CYS A 74 -3.00 10.26 -3.21
N TRP A 75 -3.85 11.23 -2.84
CA TRP A 75 -3.34 12.57 -2.50
C TRP A 75 -2.44 12.55 -1.29
N MET A 76 -2.81 11.76 -0.29
CA MET A 76 -1.96 11.69 0.89
C MET A 76 -0.62 11.00 0.56
N GLU A 77 -0.67 9.90 -0.21
CA GLU A 77 0.56 9.28 -0.70
C GLU A 77 1.47 10.29 -1.44
N VAL A 78 0.88 11.11 -2.33
CA VAL A 78 1.66 12.14 -3.05
C VAL A 78 2.17 13.22 -2.09
N LEU A 79 1.33 13.69 -1.16
CA LEU A 79 1.86 14.63 -0.17
C LEU A 79 3.06 14.02 0.52
N MET A 80 2.91 12.77 0.95
CA MET A 80 3.97 12.14 1.69
C MET A 80 5.20 11.92 0.85
N MET A 81 5.03 11.45 -0.37
CA MET A 81 6.17 11.23 -1.22
C MET A 81 6.97 12.55 -1.45
N GLY A 82 6.28 13.64 -1.69
CA GLY A 82 6.93 14.98 -1.87
C GLY A 82 7.65 15.35 -0.57
N LEU A 83 7.00 15.09 0.58
CA LEU A 83 7.68 15.31 1.92
C LEU A 83 8.98 14.51 2.10
N MET A 84 8.91 13.22 1.78
CA MET A 84 10.09 12.34 1.86
C MET A 84 11.20 12.83 0.96
N TRP A 85 10.87 13.16 -0.30
CA TRP A 85 11.87 13.72 -1.20
C TRP A 85 12.51 14.97 -0.56
N ARG A 86 11.70 15.91 -0.05
CA ARG A 86 12.30 17.08 0.58
C ARG A 86 13.23 16.76 1.69
N SER A 87 12.96 15.68 2.42
CA SER A 87 13.64 15.33 3.66
C SER A 87 14.82 14.37 3.47
N ILE A 88 15.02 13.90 2.25
CA ILE A 88 15.88 12.75 2.01
C ILE A 88 17.28 12.99 2.60
N ASP A 89 17.75 14.23 2.49
CA ASP A 89 19.15 14.53 2.86
C ASP A 89 19.28 14.94 4.31
N HIS A 90 18.17 14.86 5.07
CA HIS A 90 18.13 15.35 6.44
C HIS A 90 17.63 14.35 7.47
N PRO A 91 18.48 13.37 7.83
CA PRO A 91 18.08 12.27 8.73
C PRO A 91 17.47 12.85 9.99
N GLY A 92 16.47 12.17 10.57
CA GLY A 92 15.89 12.62 11.84
C GLY A 92 14.96 13.84 11.72
N LYS A 93 14.83 14.41 10.54
CA LYS A 93 13.94 15.55 10.28
C LYS A 93 12.94 15.34 9.14
N LEU A 94 11.80 16.02 9.27
CA LEU A 94 10.82 16.08 8.18
C LEU A 94 10.74 17.52 7.69
N ILE A 95 11.05 17.71 6.42
CA ILE A 95 11.16 19.06 5.86
C ILE A 95 9.81 19.40 5.25
N PHE A 96 8.85 19.84 6.09
CA PHE A 96 7.48 20.16 5.61
C PHE A 96 7.53 21.40 4.72
N ALA A 97 8.34 22.37 5.11
CA ALA A 97 8.58 23.60 4.31
C ALA A 97 9.88 24.22 4.80
N PRO A 98 10.45 25.19 4.00
CA PRO A 98 11.77 25.66 4.40
C PRO A 98 11.78 26.14 5.82
N ASP A 99 10.68 26.72 6.28
CA ASP A 99 10.62 27.25 7.58
C ASP A 99 9.74 26.41 8.47
N LEU A 100 9.44 25.17 8.06
CA LEU A 100 8.72 24.24 8.97
C LEU A 100 9.44 22.88 8.91
N VAL A 101 10.53 22.77 9.68
CA VAL A 101 11.37 21.60 9.67
C VAL A 101 11.14 20.91 11.02
N LEU A 102 10.42 19.80 11.04
CA LEU A 102 10.14 19.15 12.36
C LEU A 102 11.16 18.07 12.66
N ASP A 103 11.74 18.16 13.83
CA ASP A 103 12.51 17.03 14.43
C ASP A 103 11.58 15.89 14.76
N ARG A 104 12.06 14.66 14.64
CA ARG A 104 11.24 13.48 14.86
C ARG A 104 10.53 13.63 16.17
N ASP A 105 11.22 14.05 17.21
CA ASP A 105 10.61 14.08 18.54
C ASP A 105 9.43 15.03 18.66
N GLU A 106 9.36 16.04 17.80
CA GLU A 106 8.25 16.95 17.77
C GLU A 106 6.90 16.29 17.54
N GLY A 107 6.91 15.13 16.90
CA GLY A 107 5.66 14.40 16.68
C GLY A 107 5.02 13.93 18.01
N LYS A 108 5.78 13.93 19.09
CA LYS A 108 5.25 13.57 20.40
C LYS A 108 4.18 14.60 20.81
N CYS A 109 4.22 15.76 20.17
CA CYS A 109 3.29 16.84 20.43
C CYS A 109 1.84 16.48 20.17
N VAL A 110 1.60 15.53 19.26
CA VAL A 110 0.24 15.20 18.77
C VAL A 110 0.04 13.69 18.92
N GLU A 111 -0.98 13.27 19.70
N GLU A 111 -0.93 13.27 19.74
CA GLU A 111 -1.32 11.84 19.90
CA GLU A 111 -1.11 11.83 19.92
C GLU A 111 -1.51 11.09 18.57
C GLU A 111 -1.41 11.14 18.57
N GLY A 112 -0.73 10.03 18.35
CA GLY A 112 -0.82 9.24 17.13
C GLY A 112 0.11 9.69 16.01
N ILE A 113 0.70 10.88 16.09
CA ILE A 113 1.54 11.34 14.97
C ILE A 113 3.02 10.90 14.96
N LEU A 114 3.63 10.58 16.12
CA LEU A 114 4.98 10.04 16.15
C LEU A 114 5.12 8.79 15.29
N GLU A 115 4.13 7.89 15.35
CA GLU A 115 4.26 6.65 14.60
C GLU A 115 4.37 6.96 13.12
N ILE A 116 3.49 7.84 12.65
CA ILE A 116 3.50 8.28 11.26
C ILE A 116 4.84 8.97 10.85
N PHE A 117 5.35 9.87 11.70
CA PHE A 117 6.67 10.44 11.46
C PHE A 117 7.71 9.34 11.33
N ASP A 118 7.59 8.29 12.17
CA ASP A 118 8.58 7.24 12.16
C ASP A 118 8.53 6.43 10.89
N MET A 119 7.33 6.20 10.38
CA MET A 119 7.15 5.46 9.12
C MET A 119 7.72 6.29 7.98
N LEU A 120 7.37 7.59 7.98
CA LEU A 120 7.83 8.52 6.93
C LEU A 120 9.35 8.64 7.02
N LEU A 121 9.87 8.79 8.22
CA LEU A 121 11.34 8.83 8.38
C LEU A 121 12.06 7.54 7.92
N ALA A 122 11.48 6.35 8.22
CA ALA A 122 12.11 5.10 7.82
C ALA A 122 12.06 4.91 6.28
N THR A 123 10.92 5.26 5.68
CA THR A 123 10.83 5.16 4.23
C THR A 123 11.81 6.12 3.59
N THR A 124 11.87 7.34 4.13
CA THR A 124 12.91 8.32 3.67
C THR A 124 14.39 7.76 3.77
N SER A 125 14.73 7.13 4.90
CA SER A 125 16.06 6.50 5.04
C SER A 125 16.26 5.41 4.01
N ARG A 126 15.23 4.61 3.73
CA ARG A 126 15.36 3.60 2.65
C ARG A 126 15.60 4.25 1.28
N PHE A 127 14.85 5.32 0.96
CA PHE A 127 15.20 6.07 -0.29
C PHE A 127 16.64 6.65 -0.23
N ARG A 128 17.03 7.18 0.93
CA ARG A 128 18.41 7.71 1.08
C ARG A 128 19.45 6.60 0.84
N GLU A 129 19.22 5.41 1.41
CA GLU A 129 20.19 4.30 1.30
C GLU A 129 20.26 3.80 -0.15
N LEU A 130 19.12 3.78 -0.86
CA LEU A 130 19.09 3.46 -2.27
C LEU A 130 19.63 4.58 -3.17
N LYS A 131 19.88 5.77 -2.60
CA LYS A 131 20.34 6.93 -3.39
C LYS A 131 19.39 7.26 -4.52
N LEU A 132 18.11 7.35 -4.17
CA LEU A 132 17.06 7.79 -5.07
C LEU A 132 17.46 9.03 -5.85
N GLN A 133 17.39 8.95 -7.16
CA GLN A 133 17.76 10.12 -7.97
C GLN A 133 16.51 10.95 -8.27
N HIS A 134 16.70 12.24 -8.59
CA HIS A 134 15.60 13.15 -8.86
C HIS A 134 14.64 12.62 -9.92
N LYS A 135 15.19 12.09 -11.00
CA LYS A 135 14.41 11.59 -12.07
C LYS A 135 13.67 10.30 -11.74
N GLU A 136 14.22 9.49 -10.85
CA GLU A 136 13.49 8.31 -10.40
C GLU A 136 12.34 8.76 -9.49
N TYR A 137 12.59 9.74 -8.62
CA TYR A 137 11.52 10.32 -7.83
C TYR A 137 10.40 10.91 -8.67
N LEU A 138 10.74 11.59 -9.78
CA LEU A 138 9.65 12.09 -10.63
C LEU A 138 8.73 10.96 -11.15
N CYS A 139 9.34 9.86 -11.59
CA CYS A 139 8.61 8.75 -12.16
C CYS A 139 7.81 8.07 -11.07
N VAL A 140 8.44 7.90 -9.90
CA VAL A 140 7.77 7.16 -8.82
C VAL A 140 6.54 7.98 -8.35
N LYS A 141 6.69 9.30 -8.25
CA LYS A 141 5.55 10.10 -7.76
C LYS A 141 4.38 10.06 -8.73
N ALA A 142 4.66 10.18 -10.03
CA ALA A 142 3.67 10.01 -11.08
C ALA A 142 3.06 8.57 -11.06
N MET A 143 3.90 7.56 -10.79
CA MET A 143 3.37 6.19 -10.70
C MET A 143 2.35 6.09 -9.58
N ILE A 144 2.63 6.75 -8.48
CA ILE A 144 1.70 6.75 -7.32
C ILE A 144 0.36 7.34 -7.72
N LEU A 145 0.39 8.43 -8.47
CA LEU A 145 -0.87 9.00 -8.97
C LEU A 145 -1.60 7.95 -9.83
N LEU A 146 -0.88 7.33 -10.74
CA LEU A 146 -1.55 6.52 -11.75
C LEU A 146 -1.89 5.09 -11.29
N ASN A 147 -1.18 4.58 -10.27
CA ASN A 147 -1.31 3.22 -9.81
C ASN A 147 -2.29 2.97 -8.62
N SER A 148 -3.49 3.45 -8.71
CA SER A 148 -4.44 3.09 -7.70
C SER A 148 -5.50 2.05 -8.21
N SER A 149 -6.04 1.20 -7.30
CA SER A 149 -7.15 0.25 -7.62
C SER A 149 -8.11 1.09 -8.29
N MET A 150 -8.80 0.57 -9.30
CA MET A 150 -9.94 1.33 -9.81
C MET A 150 -11.31 0.58 -9.67
N TYR A 151 -11.25 -0.74 -9.66
CA TYR A 151 -12.45 -1.50 -9.90
C TYR A 151 -13.44 -0.68 -10.71
N PRO A 152 -14.06 -1.31 -11.73
CA PRO A 152 -15.07 -0.53 -12.51
C PRO A 152 -15.97 0.35 -11.60
N LEU A 153 -16.17 1.61 -12.02
CA LEU A 153 -17.21 2.45 -11.44
C LEU A 153 -18.37 2.32 -12.39
N VAL A 154 -19.57 2.61 -11.91
CA VAL A 154 -20.63 2.83 -12.85
C VAL A 154 -20.82 4.36 -12.95
N THR A 155 -20.55 4.92 -14.12
CA THR A 155 -20.71 6.36 -14.32
C THR A 155 -21.81 6.60 -15.35
N ASP A 161 -13.01 3.58 -22.51
CA ASP A 161 -11.61 3.64 -22.97
C ASP A 161 -10.71 4.46 -22.03
N SER A 162 -11.31 5.09 -21.04
CA SER A 162 -10.53 5.79 -20.04
C SER A 162 -9.56 4.81 -19.34
N SER A 163 -10.05 3.65 -18.91
CA SER A 163 -9.21 2.66 -18.27
C SER A 163 -8.04 2.14 -19.12
N ARG A 164 -8.20 2.01 -20.45
CA ARG A 164 -7.04 1.60 -21.30
C ARG A 164 -6.09 2.78 -21.45
N LYS A 165 -6.66 3.98 -21.51
CA LYS A 165 -5.87 5.19 -21.54
C LYS A 165 -5.03 5.28 -20.22
N LEU A 166 -5.61 4.85 -19.09
CA LEU A 166 -4.89 4.85 -17.80
C LEU A 166 -3.73 3.84 -17.90
N ALA A 167 -4.02 2.62 -18.37
CA ALA A 167 -3.00 1.60 -18.48
C ALA A 167 -1.85 2.06 -19.34
N HIS A 168 -2.11 2.68 -20.49
CA HIS A 168 -1.06 3.19 -21.43
C HIS A 168 -0.14 4.19 -20.69
N LEU A 169 -0.77 5.08 -19.93
CA LEU A 169 -0.03 6.12 -19.17
C LEU A 169 0.92 5.53 -18.15
N LEU A 170 0.36 4.71 -17.27
CA LEU A 170 1.13 4.02 -16.28
C LEU A 170 2.23 3.23 -16.94
N ASN A 171 1.88 2.47 -17.97
CA ASN A 171 2.92 1.85 -18.79
C ASN A 171 4.05 2.76 -19.18
N ALA A 172 3.71 3.87 -19.82
CA ALA A 172 4.71 4.84 -20.27
C ALA A 172 5.53 5.33 -19.08
N VAL A 173 4.88 5.64 -17.95
CA VAL A 173 5.67 6.11 -16.77
C VAL A 173 6.62 5.00 -16.21
N THR A 174 6.14 3.78 -16.15
CA THR A 174 7.00 2.67 -15.74
C THR A 174 8.15 2.45 -16.73
N ASP A 175 7.85 2.50 -18.03
CA ASP A 175 8.94 2.54 -19.01
C ASP A 175 9.98 3.63 -18.74
N ALA A 176 9.50 4.82 -18.43
CA ALA A 176 10.37 5.97 -18.21
C ALA A 176 11.29 5.67 -17.05
N LEU A 177 10.74 5.04 -16.01
CA LEU A 177 11.53 4.72 -14.82
C LEU A 177 12.62 3.65 -15.16
N VAL A 178 12.24 2.58 -15.83
CA VAL A 178 13.19 1.60 -16.34
C VAL A 178 14.33 2.28 -17.14
N TRP A 179 13.93 3.19 -18.04
CA TRP A 179 14.88 3.99 -18.87
C TRP A 179 15.80 4.83 -17.99
N VAL A 180 15.21 5.50 -16.99
CA VAL A 180 16.05 6.26 -16.07
C VAL A 180 17.07 5.34 -15.41
N ILE A 181 16.60 4.21 -14.86
CA ILE A 181 17.53 3.31 -14.19
C ILE A 181 18.64 2.76 -15.13
N ALA A 182 18.28 2.46 -16.39
CA ALA A 182 19.29 2.02 -17.40
C ALA A 182 20.46 2.98 -17.51
N LYS A 183 20.26 4.27 -17.23
CA LYS A 183 21.38 5.22 -17.27
C LYS A 183 22.53 4.94 -16.33
N SER A 184 22.26 4.26 -15.22
CA SER A 184 23.29 4.06 -14.24
C SER A 184 24.39 3.10 -14.73
N GLY A 185 24.09 2.32 -15.77
CA GLY A 185 25.05 1.36 -16.35
C GLY A 185 25.19 0.07 -15.54
N ILE A 186 24.56 -0.04 -14.37
CA ILE A 186 24.74 -1.27 -13.57
C ILE A 186 24.29 -2.60 -14.25
N SER A 187 24.61 -3.74 -13.64
CA SER A 187 24.28 -5.02 -14.25
C SER A 187 22.77 -5.14 -14.45
N SER A 188 22.40 -5.82 -15.54
CA SER A 188 21.05 -6.21 -15.80
C SER A 188 20.35 -6.66 -14.52
N GLN A 189 21.01 -7.51 -13.75
CA GLN A 189 20.39 -8.05 -12.55
C GLN A 189 20.21 -6.97 -11.47
N GLN A 190 21.19 -6.07 -11.34
CA GLN A 190 21.06 -4.97 -10.43
C GLN A 190 20.04 -3.93 -10.88
N GLN A 191 19.79 -3.81 -12.18
CA GLN A 191 18.75 -2.91 -12.65
C GLN A 191 17.37 -3.44 -12.25
N SER A 192 17.21 -4.76 -12.27
CA SER A 192 15.97 -5.41 -11.88
C SER A 192 15.76 -5.29 -10.36
N MET A 193 16.83 -5.50 -9.60
CA MET A 193 16.73 -5.38 -8.16
C MET A 193 16.45 -3.93 -7.69
N ARG A 194 17.03 -2.94 -8.36
CA ARG A 194 16.73 -1.54 -8.00
C ARG A 194 15.25 -1.25 -8.35
N LEU A 195 14.80 -1.67 -9.52
CA LEU A 195 13.36 -1.45 -9.87
C LEU A 195 12.48 -2.06 -8.74
N ALA A 196 12.82 -3.29 -8.35
CA ALA A 196 12.05 -3.97 -7.35
C ALA A 196 12.14 -3.23 -6.04
N ASN A 197 13.34 -2.77 -5.68
CA ASN A 197 13.45 -2.07 -4.42
C ASN A 197 12.62 -0.79 -4.40
N LEU A 198 12.69 -0.03 -5.48
CA LEU A 198 11.84 1.15 -5.60
C LEU A 198 10.35 0.83 -5.48
N LEU A 199 9.86 -0.12 -6.31
CA LEU A 199 8.40 -0.36 -6.35
C LEU A 199 7.91 -0.99 -5.08
N MET A 200 8.74 -1.81 -4.45
CA MET A 200 8.34 -2.36 -3.16
C MET A 200 8.10 -1.29 -2.13
N LEU A 201 8.71 -0.12 -2.31
CA LEU A 201 8.53 0.94 -1.35
C LEU A 201 7.15 1.63 -1.55
N LEU A 202 6.48 1.34 -2.70
CA LEU A 202 5.14 1.87 -2.94
C LEU A 202 4.10 1.43 -1.87
N SER A 203 4.21 0.16 -1.45
CA SER A 203 3.45 -0.37 -0.31
C SER A 203 3.68 0.41 0.96
N HIS A 204 4.94 0.75 1.30
CA HIS A 204 5.20 1.51 2.52
C HIS A 204 4.55 2.86 2.45
N VAL A 205 4.59 3.49 1.27
CA VAL A 205 3.96 4.81 1.06
C VAL A 205 2.45 4.66 1.21
N ARG A 206 1.87 3.61 0.64
CA ARG A 206 0.42 3.45 0.78
C ARG A 206 0.12 3.22 2.26
N HIS A 207 0.98 2.50 2.93
CA HIS A 207 0.68 2.13 4.31
C HIS A 207 0.74 3.38 5.23
N ALA A 208 1.79 4.23 5.11
CA ALA A 208 1.86 5.48 5.82
C ALA A 208 0.70 6.42 5.49
N SER A 209 0.31 6.43 4.21
CA SER A 209 -0.86 7.15 3.72
C SER A 209 -2.10 6.77 4.47
N ASN A 210 -2.28 5.48 4.64
CA ASN A 210 -3.47 4.98 5.32
C ASN A 210 -3.46 5.46 6.75
N LYS A 211 -2.32 5.40 7.42
CA LYS A 211 -2.27 5.86 8.84
C LYS A 211 -2.49 7.41 8.93
N GLY A 212 -1.89 8.15 8.01
CA GLY A 212 -2.11 9.60 7.91
C GLY A 212 -3.59 9.94 7.72
N MET A 213 -4.24 9.29 6.74
CA MET A 213 -5.69 9.50 6.47
C MET A 213 -6.57 9.27 7.71
N GLU A 214 -6.34 8.14 8.36
CA GLU A 214 -7.08 7.72 9.53
C GLU A 214 -6.80 8.76 10.66
N HIS A 215 -5.55 9.21 10.76
CA HIS A 215 -5.20 10.19 11.78
C HIS A 215 -6.00 11.47 11.65
N LEU A 216 -5.96 12.01 10.45
CA LEU A 216 -6.73 13.19 10.11
C LEU A 216 -8.28 13.02 10.14
N LEU A 217 -8.80 11.86 9.75
CA LEU A 217 -10.26 11.65 9.86
C LEU A 217 -10.70 11.63 11.31
N ASN A 218 -9.89 11.01 12.16
CA ASN A 218 -10.14 11.00 13.60
C ASN A 218 -9.99 12.40 14.21
N MET A 219 -8.92 13.15 13.85
CA MET A 219 -8.71 14.51 14.41
C MET A 219 -9.96 15.32 14.10
N LYS A 220 -10.46 15.15 12.89
CA LYS A 220 -11.56 15.96 12.40
C LYS A 220 -12.82 15.70 13.21
N CYS A 221 -12.98 14.44 13.61
CA CYS A 221 -13.98 13.97 14.60
C CYS A 221 -13.86 14.64 15.92
N LYS A 222 -12.71 14.46 16.56
CA LYS A 222 -12.45 15.06 17.86
C LYS A 222 -12.54 16.60 17.87
N ASN A 223 -12.89 17.27 16.75
CA ASN A 223 -12.64 18.77 16.57
C ASN A 223 -11.35 19.31 17.16
N VAL A 224 -10.29 18.45 17.10
CA VAL A 224 -8.91 18.77 17.56
C VAL A 224 -8.32 19.84 16.63
N VAL A 225 -8.94 19.98 15.46
CA VAL A 225 -8.54 20.90 14.43
C VAL A 225 -9.73 21.14 13.49
N PRO A 226 -10.06 22.39 13.23
CA PRO A 226 -10.98 22.59 12.11
C PRO A 226 -10.26 22.42 10.77
N VAL A 227 -10.89 21.75 9.81
CA VAL A 227 -10.29 21.60 8.49
C VAL A 227 -11.16 22.33 7.44
N TYR A 228 -10.47 22.90 6.43
CA TYR A 228 -11.14 23.73 5.47
C TYR A 228 -11.01 23.29 4.02
N ASP A 229 -11.98 23.74 3.23
CA ASP A 229 -11.86 23.80 1.78
C ASP A 229 -11.52 22.46 1.12
N LEU A 230 -10.41 22.46 0.38
CA LEU A 230 -10.08 21.32 -0.48
C LEU A 230 -9.80 20.13 0.43
N LEU A 231 -9.00 20.37 1.45
CA LEU A 231 -8.66 19.31 2.40
C LEU A 231 -9.89 18.72 3.05
N LEU A 232 -10.80 19.57 3.56
CA LEU A 232 -12.06 19.11 4.14
C LEU A 232 -12.87 18.32 3.08
N GLU A 233 -13.01 18.90 1.89
CA GLU A 233 -13.66 18.14 0.81
C GLU A 233 -13.04 16.74 0.58
N MET A 234 -11.70 16.68 0.44
CA MET A 234 -11.05 15.38 0.16
C MET A 234 -11.31 14.39 1.28
N LEU A 235 -11.29 14.88 2.51
CA LEU A 235 -11.57 14.03 3.68
C LEU A 235 -13.04 13.56 3.79
N ASN A 236 -13.98 14.45 3.53
CA ASN A 236 -15.39 14.08 3.53
C ASN A 236 -15.67 12.83 2.65
N ALA A 237 -14.71 12.53 1.76
CA ALA A 237 -14.44 11.17 1.23
C ALA A 237 -14.98 11.06 -0.17
N SER B 4 19.16 -19.62 -2.69
CA SER B 4 19.34 -19.91 -4.14
C SER B 4 17.98 -20.10 -4.83
N PRO B 5 17.76 -19.54 -6.04
CA PRO B 5 16.37 -19.34 -6.48
C PRO B 5 15.51 -20.61 -6.59
N GLU B 6 15.99 -21.66 -7.28
CA GLU B 6 15.20 -22.88 -7.49
C GLU B 6 14.80 -23.55 -6.14
N GLN B 7 15.75 -23.62 -5.23
CA GLN B 7 15.54 -24.21 -3.96
C GLN B 7 14.64 -23.34 -3.10
N LEU B 8 14.80 -22.02 -3.20
CA LEU B 8 13.98 -21.11 -2.41
C LEU B 8 12.54 -21.31 -2.83
N VAL B 9 12.32 -21.36 -4.14
CA VAL B 9 10.97 -21.46 -4.69
C VAL B 9 10.31 -22.82 -4.26
N LEU B 10 11.14 -23.87 -4.23
CA LEU B 10 10.67 -25.19 -3.84
C LEU B 10 10.33 -25.13 -2.37
N THR B 11 11.14 -24.47 -1.55
CA THR B 11 10.80 -24.28 -0.12
C THR B 11 9.44 -23.60 0.10
N LEU B 12 9.20 -22.53 -0.65
CA LEU B 12 7.95 -21.77 -0.59
C LEU B 12 6.77 -22.64 -1.01
N LEU B 13 6.98 -23.40 -2.10
CA LEU B 13 6.03 -24.39 -2.55
C LEU B 13 5.66 -25.39 -1.45
N GLU B 14 6.68 -25.91 -0.78
CA GLU B 14 6.44 -26.88 0.26
C GLU B 14 5.91 -26.25 1.52
N ALA B 15 6.07 -24.92 1.67
CA ALA B 15 5.54 -24.21 2.83
C ALA B 15 4.05 -23.88 2.80
N GLU B 16 3.41 -24.03 1.64
CA GLU B 16 2.05 -23.53 1.45
C GLU B 16 1.15 -24.11 2.54
N PRO B 17 0.27 -23.28 3.13
CA PRO B 17 -0.62 -23.74 4.24
C PRO B 17 -1.74 -24.57 3.66
N PRO B 18 -2.39 -25.41 4.46
CA PRO B 18 -3.54 -26.21 4.01
C PRO B 18 -4.72 -25.29 3.76
N HIS B 19 -5.65 -25.71 2.93
CA HIS B 19 -6.86 -24.97 2.70
C HIS B 19 -7.78 -25.14 3.94
N VAL B 20 -8.20 -24.09 4.62
CA VAL B 20 -9.07 -24.31 5.77
C VAL B 20 -10.49 -24.51 5.24
N LEU B 21 -11.16 -25.61 5.66
CA LEU B 21 -12.52 -25.84 5.25
C LEU B 21 -13.52 -25.15 6.16
N ILE B 22 -14.53 -24.54 5.58
CA ILE B 22 -15.62 -23.93 6.33
C ILE B 22 -16.85 -23.96 5.37
N SER B 23 -18.04 -24.06 5.94
CA SER B 23 -19.30 -24.07 5.12
C SER B 23 -20.18 -22.86 5.40
N ARG B 24 -21.03 -22.46 4.45
CA ARG B 24 -22.06 -21.42 4.67
C ARG B 24 -22.98 -21.91 5.83
N PRO B 25 -23.50 -21.01 6.71
CA PRO B 25 -24.54 -21.56 7.64
C PRO B 25 -25.79 -22.10 6.91
N SER B 26 -26.59 -22.96 7.58
CA SER B 26 -27.94 -23.35 7.13
C SER B 26 -28.85 -22.17 6.80
N ALA B 27 -29.04 -21.30 7.76
CA ALA B 27 -29.93 -20.12 7.63
C ALA B 27 -29.34 -19.08 6.62
N PRO B 28 -30.19 -18.25 5.96
CA PRO B 28 -29.75 -17.14 5.13
C PRO B 28 -28.75 -16.28 5.88
N PHE B 29 -27.73 -15.77 5.19
CA PHE B 29 -26.78 -14.87 5.81
C PHE B 29 -27.48 -13.67 6.46
N THR B 30 -26.96 -13.26 7.60
CA THR B 30 -27.21 -11.90 8.12
C THR B 30 -25.86 -11.19 8.20
N GLU B 31 -25.85 -9.88 8.47
CA GLU B 31 -24.62 -9.17 8.68
C GLU B 31 -23.77 -9.88 9.73
N ALA B 32 -24.42 -10.22 10.85
CA ALA B 32 -23.78 -10.97 11.91
C ALA B 32 -23.22 -12.32 11.46
N SER B 33 -24.04 -13.13 10.82
CA SER B 33 -23.55 -14.49 10.51
C SER B 33 -22.51 -14.48 9.39
N MET B 34 -22.63 -13.56 8.43
CA MET B 34 -21.54 -13.45 7.45
C MET B 34 -20.21 -13.07 8.11
N MET B 35 -20.21 -12.03 8.97
CA MET B 35 -18.98 -11.65 9.67
C MET B 35 -18.45 -12.81 10.55
N MET B 36 -19.34 -13.62 11.08
CA MET B 36 -18.89 -14.73 11.88
C MET B 36 -18.17 -15.76 11.03
N SER B 37 -18.77 -16.14 9.91
CA SER B 37 -18.11 -17.03 8.99
C SER B 37 -16.74 -16.51 8.53
N LEU B 38 -16.66 -15.25 8.12
CA LEU B 38 -15.36 -14.73 7.65
C LEU B 38 -14.29 -14.61 8.73
N THR B 39 -14.66 -14.18 9.94
CA THR B 39 -13.64 -14.04 11.01
C THR B 39 -13.23 -15.42 11.57
N LYS B 40 -14.17 -16.37 11.64
CA LYS B 40 -13.83 -17.71 12.07
C LYS B 40 -12.83 -18.35 11.09
N LEU B 41 -13.01 -18.09 9.78
CA LEU B 41 -12.07 -18.55 8.72
C LEU B 41 -10.73 -17.81 8.86
N ALA B 42 -10.82 -16.50 9.07
CA ALA B 42 -9.59 -15.67 9.16
C ALA B 42 -8.73 -16.16 10.33
N ASP B 43 -9.37 -16.38 11.47
CA ASP B 43 -8.69 -16.86 12.65
C ASP B 43 -7.95 -18.18 12.33
N LYS B 44 -8.62 -19.13 11.68
CA LYS B 44 -7.97 -20.42 11.47
C LYS B 44 -6.83 -20.30 10.46
N GLU B 45 -7.05 -19.52 9.43
CA GLU B 45 -6.00 -19.31 8.47
C GLU B 45 -4.83 -18.57 9.11
N LEU B 46 -5.11 -17.65 10.03
CA LEU B 46 -4.03 -17.03 10.77
C LEU B 46 -3.15 -18.02 11.49
N VAL B 47 -3.72 -19.04 12.16
CA VAL B 47 -2.97 -20.05 12.85
C VAL B 47 -2.04 -20.74 11.86
N HIS B 48 -2.55 -21.15 10.73
CA HIS B 48 -1.67 -21.76 9.74
C HIS B 48 -0.69 -20.82 9.08
N MET B 49 -1.03 -19.53 9.00
CA MET B 49 -0.06 -18.53 8.48
C MET B 49 1.25 -18.52 9.29
N ILE B 50 1.13 -18.73 10.60
CA ILE B 50 2.28 -18.70 11.48
C ILE B 50 3.24 -19.85 11.11
N SER B 51 2.70 -21.06 10.92
CA SER B 51 3.51 -22.24 10.51
C SER B 51 4.14 -22.08 9.15
N TRP B 52 3.38 -21.47 8.25
CA TRP B 52 3.89 -21.08 6.94
C TRP B 52 5.11 -20.17 7.08
N ALA B 53 4.99 -19.05 7.80
CA ALA B 53 6.07 -18.07 7.88
C ALA B 53 7.31 -18.72 8.44
N LYS B 54 7.12 -19.70 9.33
CA LYS B 54 8.26 -20.32 10.01
C LYS B 54 8.99 -21.26 9.09
N LYS B 55 8.34 -21.62 8.00
CA LYS B 55 8.99 -22.46 7.02
C LYS B 55 9.77 -21.68 5.96
N ILE B 56 9.66 -20.35 5.98
CA ILE B 56 10.41 -19.55 5.06
C ILE B 56 11.89 -19.50 5.55
N PRO B 57 12.82 -19.90 4.69
CA PRO B 57 14.23 -20.00 5.15
C PRO B 57 14.69 -18.63 5.78
N GLY B 58 15.21 -18.67 7.02
CA GLY B 58 15.77 -17.46 7.66
C GLY B 58 14.79 -16.78 8.61
N PHE B 59 13.49 -16.92 8.33
CA PHE B 59 12.48 -16.27 9.16
C PHE B 59 12.63 -16.60 10.65
N VAL B 60 12.82 -17.88 11.01
CA VAL B 60 12.93 -18.17 12.45
C VAL B 60 14.26 -17.68 13.04
N GLU B 61 15.24 -17.42 12.17
CA GLU B 61 16.51 -16.81 12.61
C GLU B 61 16.36 -15.33 12.91
N LEU B 62 15.33 -14.66 12.40
CA LEU B 62 15.16 -13.27 12.77
C LEU B 62 14.84 -13.22 14.27
N SER B 63 14.96 -12.06 14.93
CA SER B 63 14.61 -11.91 16.32
C SER B 63 13.11 -12.05 16.51
N LEU B 64 12.70 -12.55 17.66
CA LEU B 64 11.29 -12.68 17.98
C LEU B 64 10.47 -11.40 17.71
N PHE B 65 11.00 -10.22 18.10
CA PHE B 65 10.30 -8.98 17.79
C PHE B 65 10.11 -8.81 16.33
N ASP B 66 11.06 -9.28 15.51
CA ASP B 66 10.96 -9.02 14.07
C ASP B 66 9.93 -9.93 13.44
N GLN B 67 9.99 -11.21 13.80
CA GLN B 67 9.02 -12.18 13.36
C GLN B 67 7.63 -11.68 13.72
N VAL B 68 7.47 -11.25 14.98
CA VAL B 68 6.24 -10.65 15.46
C VAL B 68 5.83 -9.40 14.67
N ARG B 69 6.75 -8.47 14.48
CA ARG B 69 6.40 -7.24 13.83
C ARG B 69 5.95 -7.46 12.38
N LEU B 70 6.69 -8.29 11.65
CA LEU B 70 6.30 -8.61 10.25
C LEU B 70 4.91 -9.23 10.17
N LEU B 71 4.63 -10.22 11.02
CA LEU B 71 3.33 -10.87 10.98
C LEU B 71 2.22 -9.93 11.36
N GLU B 72 2.38 -9.12 12.42
CA GLU B 72 1.34 -8.15 12.78
C GLU B 72 1.08 -7.19 11.66
N SER B 73 2.16 -6.82 10.97
CA SER B 73 2.03 -5.88 9.87
C SER B 73 1.38 -6.49 8.56
N CYS B 74 1.66 -7.75 8.21
CA CYS B 74 1.19 -8.26 6.92
C CYS B 74 0.00 -9.24 6.94
N TRP B 75 -0.55 -9.61 8.11
CA TRP B 75 -1.44 -10.78 8.11
C TRP B 75 -2.68 -10.64 7.25
N MET B 76 -3.34 -9.49 7.34
CA MET B 76 -4.45 -9.24 6.46
C MET B 76 -4.04 -9.27 4.97
N GLU B 77 -2.89 -8.67 4.63
CA GLU B 77 -2.47 -8.70 3.20
C GLU B 77 -2.26 -10.13 2.74
N VAL B 78 -1.64 -10.92 3.63
CA VAL B 78 -1.38 -12.32 3.32
C VAL B 78 -2.69 -13.10 3.24
N LEU B 79 -3.61 -12.87 4.17
CA LEU B 79 -4.97 -13.46 4.03
C LEU B 79 -5.52 -13.11 2.67
N MET B 80 -5.37 -11.85 2.28
CA MET B 80 -6.08 -11.43 1.05
C MET B 80 -5.38 -11.99 -0.17
N MET B 81 -4.06 -12.04 -0.15
CA MET B 81 -3.32 -12.57 -1.30
C MET B 81 -3.69 -14.06 -1.53
N GLY B 82 -3.73 -14.82 -0.45
CA GLY B 82 -4.17 -16.25 -0.50
C GLY B 82 -5.60 -16.29 -1.10
N LEU B 83 -6.48 -15.40 -0.65
CA LEU B 83 -7.86 -15.40 -1.18
C LEU B 83 -7.89 -15.10 -2.69
N MET B 84 -7.10 -14.09 -3.09
CA MET B 84 -7.10 -13.70 -4.48
C MET B 84 -6.56 -14.84 -5.33
N TRP B 85 -5.51 -15.52 -4.87
CA TRP B 85 -4.99 -16.67 -5.60
C TRP B 85 -6.08 -17.74 -5.79
N ARG B 86 -6.82 -18.06 -4.74
CA ARG B 86 -7.87 -19.06 -4.88
C ARG B 86 -8.94 -18.66 -5.82
N SER B 87 -9.22 -17.36 -5.97
CA SER B 87 -10.34 -16.83 -6.76
C SER B 87 -9.95 -16.47 -8.24
N ILE B 88 -8.68 -16.65 -8.57
CA ILE B 88 -8.12 -16.02 -9.76
C ILE B 88 -8.88 -16.47 -10.99
N ASP B 89 -9.37 -17.72 -10.97
CA ASP B 89 -9.98 -18.29 -12.17
C ASP B 89 -11.47 -18.17 -12.12
N HIS B 90 -11.99 -17.43 -11.14
CA HIS B 90 -13.41 -17.34 -10.94
C HIS B 90 -13.94 -15.93 -10.88
N PRO B 91 -14.01 -15.22 -12.05
CA PRO B 91 -14.43 -13.81 -12.07
C PRO B 91 -15.73 -13.65 -11.27
N GLY B 92 -15.89 -12.55 -10.52
CA GLY B 92 -17.19 -12.25 -9.88
C GLY B 92 -17.42 -13.05 -8.58
N LYS B 93 -16.47 -13.91 -8.24
CA LYS B 93 -16.54 -14.76 -7.05
C LYS B 93 -15.28 -14.66 -6.16
N LEU B 94 -15.51 -14.77 -4.85
CA LEU B 94 -14.43 -14.83 -3.90
C LEU B 94 -14.41 -16.22 -3.25
N ILE B 95 -13.34 -16.99 -3.51
CA ILE B 95 -13.32 -18.41 -3.10
C ILE B 95 -12.75 -18.48 -1.69
N PHE B 96 -13.54 -18.18 -0.67
CA PHE B 96 -12.96 -18.14 0.68
C PHE B 96 -12.58 -19.54 1.10
N ALA B 97 -13.40 -20.52 0.74
CA ALA B 97 -13.10 -21.95 1.00
C ALA B 97 -13.92 -22.73 -0.05
N PRO B 98 -13.62 -24.07 -0.22
CA PRO B 98 -14.39 -24.84 -1.21
C PRO B 98 -15.90 -24.75 -1.04
N ASP B 99 -16.37 -24.60 0.19
CA ASP B 99 -17.75 -24.59 0.45
C ASP B 99 -18.25 -23.21 0.92
N LEU B 100 -17.43 -22.16 0.70
CA LEU B 100 -17.73 -20.75 1.03
C LEU B 100 -17.21 -19.92 -0.14
N VAL B 101 -18.02 -19.92 -1.20
CA VAL B 101 -17.75 -19.24 -2.43
C VAL B 101 -18.73 -18.07 -2.45
N LEU B 102 -18.28 -16.84 -2.19
CA LEU B 102 -19.23 -15.70 -2.18
C LEU B 102 -19.24 -15.04 -3.55
N ASP B 103 -20.45 -14.90 -4.08
CA ASP B 103 -20.69 -13.96 -5.19
C ASP B 103 -20.43 -12.56 -4.75
N ARG B 104 -19.91 -11.71 -5.64
CA ARG B 104 -19.69 -10.29 -5.36
C ARG B 104 -20.87 -9.64 -4.65
N ASP B 105 -22.09 -9.88 -5.13
CA ASP B 105 -23.25 -9.18 -4.60
C ASP B 105 -23.51 -9.56 -3.16
N GLU B 106 -23.00 -10.71 -2.73
CA GLU B 106 -23.22 -11.13 -1.35
C GLU B 106 -22.58 -10.21 -0.32
N GLY B 107 -21.56 -9.46 -0.75
CA GLY B 107 -21.02 -8.48 0.17
C GLY B 107 -22.03 -7.39 0.59
N LYS B 108 -23.17 -7.30 -0.11
CA LYS B 108 -24.17 -6.28 0.19
C LYS B 108 -24.79 -6.57 1.56
N CYS B 109 -24.63 -7.79 2.03
CA CYS B 109 -25.26 -8.06 3.31
C CYS B 109 -24.49 -7.59 4.53
N VAL B 110 -23.24 -7.10 4.35
CA VAL B 110 -22.48 -6.48 5.43
C VAL B 110 -22.12 -5.03 5.03
N GLU B 111 -22.59 -4.01 5.79
CA GLU B 111 -22.21 -2.61 5.55
C GLU B 111 -20.69 -2.43 5.49
N GLY B 112 -20.22 -1.78 4.44
CA GLY B 112 -18.79 -1.58 4.31
C GLY B 112 -18.06 -2.70 3.58
N ILE B 113 -18.65 -3.88 3.43
CA ILE B 113 -17.81 -4.97 2.94
C ILE B 113 -17.82 -5.14 1.40
N LEU B 114 -18.84 -4.60 0.73
CA LEU B 114 -18.89 -4.62 -0.72
C LEU B 114 -17.68 -3.93 -1.37
N GLU B 115 -17.34 -2.75 -0.86
CA GLU B 115 -16.18 -2.02 -1.43
C GLU B 115 -14.93 -2.91 -1.33
N ILE B 116 -14.78 -3.58 -0.21
CA ILE B 116 -13.62 -4.45 0.01
C ILE B 116 -13.61 -5.64 -0.96
N PHE B 117 -14.80 -6.21 -1.20
CA PHE B 117 -14.91 -7.28 -2.16
C PHE B 117 -14.55 -6.75 -3.52
N ASP B 118 -15.00 -5.51 -3.82
CA ASP B 118 -14.71 -4.92 -5.13
C ASP B 118 -13.22 -4.73 -5.35
N MET B 119 -12.52 -4.27 -4.33
CA MET B 119 -11.08 -4.04 -4.43
C MET B 119 -10.41 -5.38 -4.65
N LEU B 120 -10.85 -6.39 -3.88
CA LEU B 120 -10.23 -7.73 -3.92
C LEU B 120 -10.51 -8.34 -5.25
N LEU B 121 -11.74 -8.20 -5.74
CA LEU B 121 -12.07 -8.69 -7.08
C LEU B 121 -11.30 -8.00 -8.23
N ALA B 122 -11.09 -6.68 -8.14
CA ALA B 122 -10.34 -5.92 -9.17
C ALA B 122 -8.85 -6.38 -9.19
N THR B 123 -8.27 -6.49 -8.01
CA THR B 123 -6.86 -6.91 -7.91
C THR B 123 -6.72 -8.32 -8.47
N THR B 124 -7.59 -9.23 -8.03
CA THR B 124 -7.67 -10.55 -8.61
C THR B 124 -7.82 -10.52 -10.16
N SER B 125 -8.73 -9.69 -10.71
CA SER B 125 -8.78 -9.54 -12.21
C SER B 125 -7.49 -9.05 -12.81
N ARG B 126 -6.75 -8.15 -12.16
CA ARG B 126 -5.43 -7.70 -12.73
C ARG B 126 -4.44 -8.87 -12.68
N PHE B 127 -4.42 -9.64 -11.58
CA PHE B 127 -3.57 -10.88 -11.62
C PHE B 127 -3.99 -11.88 -12.73
N ARG B 128 -5.31 -12.09 -12.92
CA ARG B 128 -5.78 -12.98 -14.01
C ARG B 128 -5.30 -12.44 -15.37
N GLU B 129 -5.46 -11.14 -15.56
CA GLU B 129 -5.14 -10.51 -16.84
C GLU B 129 -3.61 -10.63 -17.09
N LEU B 130 -2.83 -10.48 -16.03
CA LEU B 130 -1.39 -10.75 -16.14
C LEU B 130 -1.05 -12.24 -16.22
N LYS B 131 -2.03 -13.12 -16.01
CA LYS B 131 -1.74 -14.56 -16.02
C LYS B 131 -0.68 -14.92 -15.01
N LEU B 132 -0.86 -14.41 -13.78
CA LEU B 132 0.00 -14.71 -12.67
C LEU B 132 0.27 -16.22 -12.54
N GLN B 133 1.54 -16.59 -12.44
CA GLN B 133 1.88 -18.01 -12.36
C GLN B 133 2.03 -18.41 -10.88
N HIS B 134 1.75 -19.67 -10.57
CA HIS B 134 1.90 -20.20 -9.23
C HIS B 134 3.22 -19.86 -8.53
N LYS B 135 4.32 -19.99 -9.23
CA LYS B 135 5.64 -19.72 -8.69
C LYS B 135 5.80 -18.20 -8.49
N GLU B 136 5.16 -17.36 -9.32
CA GLU B 136 5.23 -15.93 -9.06
C GLU B 136 4.41 -15.61 -7.79
N TYR B 137 3.22 -16.19 -7.70
CA TYR B 137 2.38 -16.00 -6.49
C TYR B 137 3.12 -16.40 -5.22
N LEU B 138 3.86 -17.50 -5.28
CA LEU B 138 4.58 -17.91 -4.07
C LEU B 138 5.59 -16.84 -3.67
N CYS B 139 6.31 -16.29 -4.64
CA CYS B 139 7.33 -15.32 -4.33
C CYS B 139 6.68 -14.05 -3.87
N VAL B 140 5.55 -13.65 -4.51
CA VAL B 140 4.94 -12.36 -4.17
C VAL B 140 4.41 -12.46 -2.73
N LYS B 141 3.83 -13.61 -2.37
CA LYS B 141 3.23 -13.72 -1.06
C LYS B 141 4.32 -13.64 0.03
N ALA B 142 5.45 -14.33 -0.20
CA ALA B 142 6.60 -14.22 0.68
C ALA B 142 7.15 -12.78 0.73
N MET B 143 7.24 -12.12 -0.44
CA MET B 143 7.60 -10.67 -0.43
C MET B 143 6.66 -9.83 0.46
N ILE B 144 5.36 -10.09 0.38
CA ILE B 144 4.41 -9.37 1.25
C ILE B 144 4.74 -9.50 2.73
N LEU B 145 5.01 -10.74 3.15
CA LEU B 145 5.47 -10.95 4.53
C LEU B 145 6.74 -10.17 4.82
N LEU B 146 7.74 -10.30 3.98
CA LEU B 146 9.03 -9.67 4.27
C LEU B 146 9.10 -8.15 4.01
N ASN B 147 8.18 -7.57 3.23
CA ASN B 147 8.24 -6.19 2.82
C ASN B 147 7.42 -5.21 3.67
N SER B 148 7.56 -5.24 4.96
CA SER B 148 6.84 -4.19 5.71
C SER B 148 7.79 -3.12 6.31
N SER B 149 7.29 -1.86 6.41
CA SER B 149 8.01 -0.77 7.12
C SER B 149 8.56 -1.53 8.24
N MET B 150 9.87 -1.47 8.40
CA MET B 150 10.48 -2.07 9.60
C MET B 150 11.24 -0.98 10.38
N TYR B 151 10.54 0.17 10.59
CA TYR B 151 11.14 1.39 11.17
C TYR B 151 11.69 0.96 12.50
N PRO B 152 13.00 1.15 12.71
CA PRO B 152 13.62 0.72 13.96
C PRO B 152 12.69 0.78 15.22
N LEU B 153 12.57 -0.35 15.91
CA LEU B 153 12.05 -0.36 17.28
C LEU B 153 13.16 -0.35 18.30
N VAL B 154 12.79 -0.08 19.56
CA VAL B 154 13.74 -0.27 20.63
C VAL B 154 13.38 -1.56 21.37
N THR B 155 14.23 -2.56 21.25
CA THR B 155 14.06 -3.77 22.07
C THR B 155 15.21 -3.84 23.09
N ALA B 156 15.08 -4.72 24.09
CA ALA B 156 16.03 -4.76 25.23
C ALA B 156 17.38 -5.39 24.86
N LYS B 165 19.64 -8.91 8.13
CA LYS B 165 19.19 -10.28 7.80
C LYS B 165 17.80 -10.35 7.10
N LEU B 166 16.87 -9.53 7.54
CA LEU B 166 15.66 -9.32 6.82
C LEU B 166 15.93 -8.89 5.34
N ALA B 167 16.85 -7.93 5.13
CA ALA B 167 17.11 -7.46 3.79
C ALA B 167 17.60 -8.59 2.93
N HIS B 168 18.51 -9.43 3.44
CA HIS B 168 19.12 -10.53 2.66
C HIS B 168 18.01 -11.52 2.22
N LEU B 169 17.04 -11.72 3.10
CA LEU B 169 15.84 -12.57 2.83
C LEU B 169 15.00 -12.05 1.69
N LEU B 170 14.53 -10.81 1.87
CA LEU B 170 13.74 -10.11 0.87
C LEU B 170 14.50 -10.04 -0.44
N ASN B 171 15.77 -9.62 -0.40
CA ASN B 171 16.61 -9.72 -1.60
C ASN B 171 16.53 -11.06 -2.31
N ALA B 172 16.77 -12.16 -1.57
CA ALA B 172 16.70 -13.52 -2.15
C ALA B 172 15.33 -13.84 -2.75
N VAL B 173 14.26 -13.46 -2.05
CA VAL B 173 12.93 -13.70 -2.64
C VAL B 173 12.68 -12.87 -3.92
N THR B 174 13.06 -11.59 -3.87
CA THR B 174 13.04 -10.77 -5.08
C THR B 174 13.86 -11.38 -6.21
N ASP B 175 15.10 -11.82 -5.91
CA ASP B 175 15.89 -12.61 -6.86
C ASP B 175 15.15 -13.81 -7.39
N ALA B 176 14.51 -14.57 -6.50
CA ALA B 176 13.71 -15.73 -6.91
C ALA B 176 12.62 -15.34 -7.90
N LEU B 177 11.90 -14.25 -7.61
CA LEU B 177 10.84 -13.79 -8.53
C LEU B 177 11.39 -13.39 -9.92
N VAL B 178 12.46 -12.60 -9.95
CA VAL B 178 13.15 -12.27 -11.21
C VAL B 178 13.51 -13.54 -11.99
N TRP B 179 14.04 -14.56 -11.27
CA TRP B 179 14.46 -15.84 -11.88
C TRP B 179 13.21 -16.56 -12.45
N VAL B 180 12.13 -16.65 -11.66
CA VAL B 180 10.89 -17.22 -12.21
C VAL B 180 10.45 -16.47 -13.48
N ILE B 181 10.38 -15.13 -13.41
CA ILE B 181 9.96 -14.37 -14.62
C ILE B 181 10.88 -14.67 -15.82
N ALA B 182 12.19 -14.71 -15.56
CA ALA B 182 13.18 -15.01 -16.63
C ALA B 182 12.90 -16.35 -17.32
N LYS B 183 12.25 -17.26 -16.60
CA LYS B 183 11.99 -18.58 -17.13
C LYS B 183 10.90 -18.58 -18.23
N SER B 184 10.44 -17.39 -18.63
CA SER B 184 9.39 -17.26 -19.63
C SER B 184 9.89 -16.84 -21.01
N GLY B 185 11.12 -16.35 -21.09
CA GLY B 185 11.75 -16.08 -22.39
C GLY B 185 11.25 -14.83 -23.10
N ILE B 186 10.39 -14.03 -22.48
CA ILE B 186 10.01 -12.74 -23.10
C ILE B 186 11.22 -11.75 -23.12
N SER B 187 11.08 -10.61 -23.77
CA SER B 187 12.19 -9.65 -23.90
C SER B 187 12.58 -9.02 -22.57
N SER B 188 13.87 -8.72 -22.42
CA SER B 188 14.36 -7.94 -21.32
C SER B 188 13.35 -6.86 -20.90
N GLN B 189 12.90 -6.06 -21.87
CA GLN B 189 11.93 -5.02 -21.65
C GLN B 189 10.65 -5.55 -20.97
N GLN B 190 10.16 -6.66 -21.52
CA GLN B 190 8.95 -7.25 -21.06
C GLN B 190 9.10 -7.86 -19.66
N GLN B 191 10.30 -8.33 -19.30
CA GLN B 191 10.53 -8.94 -18.00
C GLN B 191 10.53 -7.87 -16.93
N SER B 192 11.04 -6.68 -17.27
CA SER B 192 11.10 -5.55 -16.37
C SER B 192 9.68 -5.03 -16.21
N MET B 193 8.96 -4.88 -17.33
CA MET B 193 7.55 -4.49 -17.26
C MET B 193 6.67 -5.48 -16.44
N ARG B 194 6.84 -6.80 -16.62
CA ARG B 194 6.06 -7.78 -15.79
C ARG B 194 6.47 -7.61 -14.28
N LEU B 195 7.75 -7.45 -14.01
CA LEU B 195 8.19 -7.30 -12.62
C LEU B 195 7.52 -6.05 -11.97
N ALA B 196 7.50 -4.95 -12.70
CA ALA B 196 6.89 -3.73 -12.26
C ALA B 196 5.42 -3.90 -12.09
N ASN B 197 4.74 -4.53 -13.06
CA ASN B 197 3.29 -4.75 -12.92
C ASN B 197 2.91 -5.58 -11.68
N LEU B 198 3.71 -6.59 -11.41
CA LEU B 198 3.48 -7.38 -10.21
C LEU B 198 3.70 -6.56 -8.94
N LEU B 199 4.84 -5.86 -8.82
CA LEU B 199 5.14 -5.16 -7.57
C LEU B 199 4.26 -3.99 -7.36
N MET B 200 3.82 -3.34 -8.45
CA MET B 200 2.88 -2.25 -8.31
C MET B 200 1.58 -2.71 -7.66
N LEU B 201 1.24 -3.99 -7.79
CA LEU B 201 0.02 -4.49 -7.24
C LEU B 201 0.14 -4.71 -5.74
N LEU B 202 1.39 -4.73 -5.23
CA LEU B 202 1.61 -4.78 -3.80
C LEU B 202 0.92 -3.63 -3.01
N SER B 203 0.94 -2.42 -3.57
CA SER B 203 0.15 -1.27 -3.15
C SER B 203 -1.32 -1.54 -3.05
N HIS B 204 -1.90 -2.20 -4.04
CA HIS B 204 -3.36 -2.43 -4.06
C HIS B 204 -3.68 -3.42 -2.96
N VAL B 205 -2.76 -4.38 -2.73
CA VAL B 205 -2.97 -5.41 -1.65
C VAL B 205 -2.89 -4.69 -0.28
N ARG B 206 -1.93 -3.78 -0.14
CA ARG B 206 -1.77 -3.03 1.13
C ARG B 206 -3.03 -2.17 1.32
N HIS B 207 -3.51 -1.54 0.27
CA HIS B 207 -4.67 -0.64 0.37
C HIS B 207 -5.91 -1.46 0.80
N ALA B 208 -6.19 -2.57 0.10
CA ALA B 208 -7.31 -3.40 0.47
C ALA B 208 -7.19 -3.92 1.90
N SER B 209 -5.98 -4.26 2.30
CA SER B 209 -5.66 -4.74 3.61
C SER B 209 -5.99 -3.70 4.65
N ASN B 210 -5.69 -2.45 4.33
CA ASN B 210 -6.03 -1.35 5.24
C ASN B 210 -7.54 -1.26 5.38
N LYS B 211 -8.27 -1.35 4.27
CA LYS B 211 -9.74 -1.24 4.38
C LYS B 211 -10.30 -2.44 5.21
N GLY B 212 -9.74 -3.64 4.97
CA GLY B 212 -10.19 -4.84 5.69
C GLY B 212 -9.93 -4.72 7.21
N MET B 213 -8.76 -4.18 7.57
CA MET B 213 -8.39 -3.95 8.97
C MET B 213 -9.35 -3.01 9.67
N GLU B 214 -9.61 -1.83 9.07
CA GLU B 214 -10.57 -0.85 9.66
C GLU B 214 -11.94 -1.51 9.85
N HIS B 215 -12.34 -2.25 8.82
CA HIS B 215 -13.67 -2.81 8.83
C HIS B 215 -13.85 -3.74 10.03
N LEU B 216 -12.88 -4.58 10.24
CA LEU B 216 -12.91 -5.49 11.35
C LEU B 216 -12.67 -4.83 12.75
N LEU B 217 -11.83 -3.81 12.82
CA LEU B 217 -11.72 -3.07 14.08
C LEU B 217 -13.01 -2.33 14.38
N ASN B 218 -13.64 -1.78 13.33
CA ASN B 218 -14.96 -1.16 13.43
C ASN B 218 -16.08 -2.15 13.81
N MET B 219 -16.15 -3.29 13.14
CA MET B 219 -17.16 -4.31 13.50
C MET B 219 -16.93 -4.73 14.94
N LYS B 220 -15.68 -4.90 15.31
CA LYS B 220 -15.36 -5.39 16.64
C LYS B 220 -15.89 -4.43 17.72
N CYS B 221 -15.43 -3.18 17.65
CA CYS B 221 -16.01 -2.03 18.36
C CYS B 221 -17.53 -2.11 18.57
N LYS B 222 -18.28 -2.42 17.52
CA LYS B 222 -19.75 -2.37 17.57
C LYS B 222 -20.40 -3.67 18.08
N ASN B 223 -19.60 -4.60 18.63
CA ASN B 223 -20.02 -6.04 18.89
C ASN B 223 -20.97 -6.70 17.89
N VAL B 224 -20.72 -6.36 16.60
CA VAL B 224 -21.49 -6.86 15.43
C VAL B 224 -21.09 -8.31 15.17
N VAL B 225 -20.02 -8.70 15.87
CA VAL B 225 -19.39 -9.98 15.74
C VAL B 225 -18.36 -10.08 16.84
N PRO B 226 -18.49 -11.08 17.71
CA PRO B 226 -17.37 -11.30 18.60
C PRO B 226 -16.23 -12.04 17.88
N VAL B 227 -14.99 -11.70 18.20
CA VAL B 227 -13.85 -12.45 17.65
C VAL B 227 -13.01 -13.06 18.77
N TYR B 228 -12.37 -14.18 18.47
CA TYR B 228 -11.67 -14.89 19.49
C TYR B 228 -10.19 -15.08 19.22
N ASP B 229 -9.47 -15.48 20.24
CA ASP B 229 -8.12 -16.07 20.10
C ASP B 229 -7.16 -15.20 19.29
N LEU B 230 -6.59 -15.82 18.30
CA LEU B 230 -5.47 -15.25 17.59
C LEU B 230 -5.90 -13.99 16.82
N LEU B 231 -7.04 -14.10 16.14
CA LEU B 231 -7.59 -12.95 15.39
C LEU B 231 -7.86 -11.72 16.34
N LEU B 232 -8.56 -11.98 17.45
CA LEU B 232 -8.71 -10.95 18.53
C LEU B 232 -7.38 -10.32 18.95
N GLU B 233 -6.43 -11.20 19.24
CA GLU B 233 -5.10 -10.76 19.68
C GLU B 233 -4.43 -9.89 18.61
N MET B 234 -4.42 -10.37 17.36
CA MET B 234 -3.82 -9.62 16.25
C MET B 234 -4.50 -8.27 16.14
N LEU B 235 -5.83 -8.27 16.18
CA LEU B 235 -6.56 -7.00 16.30
C LEU B 235 -6.33 -6.34 17.68
N ARG C 4 -20.19 17.32 -3.48
CA ARG C 4 -19.35 16.16 -3.02
C ARG C 4 -17.87 16.24 -3.44
N HIS C 5 -17.62 16.44 -4.72
CA HIS C 5 -16.30 16.91 -5.13
C HIS C 5 -16.55 18.25 -5.73
N LYS C 6 -17.47 18.95 -5.07
CA LYS C 6 -17.83 20.33 -5.44
C LYS C 6 -16.61 21.21 -5.79
N ILE C 7 -15.51 21.12 -5.04
CA ILE C 7 -14.32 21.97 -5.32
C ILE C 7 -13.26 21.31 -6.26
N LEU C 8 -13.06 20.01 -6.08
CA LEU C 8 -12.10 19.31 -6.94
C LEU C 8 -12.58 19.45 -8.41
N HIS C 9 -13.87 19.08 -8.66
CA HIS C 9 -14.44 19.17 -10.03
C HIS C 9 -14.12 20.53 -10.54
N ARG C 10 -14.38 21.52 -9.72
CA ARG C 10 -14.08 22.91 -10.04
C ARG C 10 -12.64 23.07 -10.47
N LEU C 11 -11.65 22.69 -9.67
CA LEU C 11 -10.23 22.87 -10.09
C LEU C 11 -9.74 22.00 -11.28
N LEU C 12 -10.41 20.90 -11.56
CA LEU C 12 -10.03 20.06 -12.71
C LEU C 12 -10.46 20.64 -14.07
N GLN C 13 -11.66 21.26 -14.07
CA GLN C 13 -12.38 21.72 -15.28
C GLN C 13 -12.21 23.23 -15.45
N ARG D 4 0.31 -9.12 25.48
CA ARG D 4 0.01 -8.39 24.20
C ARG D 4 0.12 -9.26 22.94
N HIS D 5 1.19 -10.03 22.82
CA HIS D 5 1.22 -11.08 21.79
C HIS D 5 1.32 -12.39 22.50
N LYS D 6 0.62 -12.46 23.61
CA LYS D 6 0.52 -13.70 24.40
C LYS D 6 0.40 -15.00 23.55
N ILE D 7 -0.55 -15.05 22.61
CA ILE D 7 -0.70 -16.29 21.80
C ILE D 7 0.26 -16.42 20.59
N LEU D 8 0.51 -15.28 19.93
CA LEU D 8 1.46 -15.27 18.82
C LEU D 8 2.86 -15.75 19.34
N HIS D 9 3.36 -15.10 20.42
CA HIS D 9 4.70 -15.43 21.02
C HIS D 9 4.73 -16.87 21.33
N ARG D 10 3.62 -17.40 21.84
CA ARG D 10 3.51 -18.84 21.99
C ARG D 10 3.81 -19.52 20.66
N LEU D 11 2.89 -19.45 19.68
CA LEU D 11 3.01 -20.18 18.39
C LEU D 11 4.35 -20.00 17.64
N LEU D 12 5.02 -18.87 17.81
CA LEU D 12 6.31 -18.67 17.17
C LEU D 12 7.36 -19.56 17.84
N GLN D 13 7.38 -19.47 19.18
CA GLN D 13 8.26 -20.25 20.07
C GLN D 13 7.59 -21.60 20.37
OAA W14 E . -1.34 15.62 8.53
OAB W14 E . 1.99 19.35 3.32
FAC W14 E . -0.50 12.50 7.86
FAD W14 E . 0.30 13.07 9.67
FAE W14 E . -1.94 13.32 9.49
CAF W14 E . 2.77 17.08 3.27
CAG W14 E . 2.76 15.81 3.89
CAH W14 E . 1.31 17.89 5.05
CAI W14 E . 2.10 14.29 5.61
CAJ W14 E . 1.63 14.09 7.10
CAK W14 E . 0.63 16.47 6.87
CAL W14 E . -0.44 14.81 8.30
CAM W14 E . 2.01 18.10 3.89
CAN W14 E . 2.04 15.59 5.06
CAO W14 E . 1.35 16.63 5.65
NAP W14 E . 0.61 15.10 7.47
CAQ W14 E . -0.59 13.39 8.86
OAA W14 F . -12.86 -9.98 7.28
OAB W14 F . -9.92 -16.32 5.57
FAC W14 F . -11.51 -7.91 5.12
FAD W14 F . -13.38 -8.07 4.81
FAE W14 F . -12.87 -7.43 6.90
CAF W14 F . -9.09 -14.66 4.00
CAG W14 F . -9.25 -13.29 3.58
CAH W14 F . -10.87 -14.19 5.66
CAI W14 F . -10.23 -11.07 3.68
CAJ W14 F . -11.60 -10.38 3.88
CAK W14 F . -11.97 -12.05 5.81
CAL W14 F . -12.53 -9.72 6.12
CAM W14 F . -9.94 -15.05 5.07
CAN W14 F . -10.16 -12.43 4.17
CAO W14 F . -10.98 -12.87 5.19
NAP W14 F . -12.04 -10.66 5.29
CAQ W14 F . -12.58 -8.25 5.65
#